data_4B68
#
_entry.id   4B68
#
_cell.length_a   77.530
_cell.length_b   84.730
_cell.length_c   145.220
_cell.angle_alpha   90.00
_cell.angle_beta   90.00
_cell.angle_gamma   90.00
#
_symmetry.space_group_name_H-M   'I 2 2 2'
#
loop_
_entity.id
_entity.type
_entity.pdbx_description
1 polymer 'L-ORNITHINE N5 MONOOXYGENASE'
2 non-polymer ARGININE
3 non-polymer 'FLAVIN-ADENINE DINUCLEOTIDE'
4 non-polymer 'NADP NICOTINAMIDE-ADENINE-DINUCLEOTIDE PHOSPHATE'
5 non-polymer 'SULFATE ION'
6 non-polymer GLYCEROL
7 water water
#
_entity_poly.entity_id   1
_entity_poly.type   'polypeptide(L)'
_entity_poly.pdbx_seq_one_letter_code
;MESVERKSESSYLGMRNMQPEQRLSLDPPRLRSTPQDELHDLLCVGFGPASLAIAIALHDALDPRLNKSASNIHAQPKIC
FLERQKQFAWHSGMLVPGSKMQISFIKDLATLRDPRSSFTFLNYLHQKGRLIHFTNLSTFLPARLEFEDYMRWCAQQFSD
VVAYGEEVVEVIPGKSDPSSSVVDFFTVRSRNVETGEISARRTRKVVIAIGGTAKMPSGLPQDPRIIHSSKYCTTLPALL
KDKSKPYNIAVLGSGQSAAEIFHDLQKRYPNSRTTLIMRDSAMRPSDDSPFVNEIFNPERVDKFYSQSAAERQRSLLADK
ATNYSVVRLELIEEIYNDMYLQRVKNPDETQWQHRILPERKITRVEHHGPQSRMRIHLKSSKPESEGAANDVKETLEVDA
LMVATGYNRNAHERLLSKVQHLRPTGQDQWKPHRDYRVEMDPSKVSSEAGIWLQGCNERTHGLSDSLLSVLAVRGGEMVQ
SIFGEQLERAAVQGHQLRAML
;
_entity_poly.pdbx_strand_id   A
#
loop_
_chem_comp.id
_chem_comp.type
_chem_comp.name
_chem_comp.formula
FAD non-polymer 'FLAVIN-ADENINE DINUCLEOTIDE' 'C27 H33 N9 O15 P2'
GOL non-polymer GLYCEROL 'C3 H8 O3'
NAP non-polymer 'NADP NICOTINAMIDE-ADENINE-DINUCLEOTIDE PHOSPHATE' 'C21 H28 N7 O17 P3'
SO4 non-polymer 'SULFATE ION' 'O4 S -2'
#
# COMPACT_ATOMS: atom_id res chain seq x y z
N ARG A 30 14.68 -16.03 15.14
CA ARG A 30 14.47 -16.16 16.61
C ARG A 30 12.99 -16.37 16.95
N LEU A 31 12.10 -15.68 16.25
CA LEU A 31 10.66 -15.88 16.41
C LEU A 31 10.23 -17.25 15.90
N ARG A 32 9.95 -18.15 16.83
CA ARG A 32 9.54 -19.52 16.52
C ARG A 32 8.06 -19.58 16.18
N SER A 33 7.69 -20.55 15.34
CA SER A 33 6.32 -20.71 14.89
C SER A 33 5.39 -21.25 15.97
N THR A 34 4.11 -20.88 15.87
CA THR A 34 3.08 -21.41 16.73
C THR A 34 2.24 -22.41 15.92
N PRO A 35 1.98 -23.60 16.48
CA PRO A 35 1.06 -24.55 15.83
C PRO A 35 -0.31 -23.93 15.59
N GLN A 36 -0.92 -24.30 14.47
CA GLN A 36 -2.20 -23.74 14.01
C GLN A 36 -3.33 -23.83 15.04
N ASP A 37 -3.28 -24.87 15.86
CA ASP A 37 -4.34 -25.19 16.83
C ASP A 37 -4.31 -24.35 18.10
N GLU A 38 -3.16 -23.74 18.40
CA GLU A 38 -2.97 -22.97 19.63
C GLU A 38 -3.54 -21.55 19.56
N LEU A 39 -3.99 -21.03 20.71
CA LEU A 39 -4.46 -19.65 20.80
C LEU A 39 -3.29 -18.68 20.71
N HIS A 40 -3.33 -17.82 19.70
CA HIS A 40 -2.27 -16.85 19.45
C HIS A 40 -2.48 -15.61 20.25
N ASP A 41 -1.38 -14.90 20.53
CA ASP A 41 -1.44 -13.59 21.15
C ASP A 41 -1.76 -12.53 20.09
N LEU A 42 -1.14 -12.67 18.92
CA LEU A 42 -1.39 -11.77 17.80
C LEU A 42 -1.50 -12.52 16.47
N LEU A 43 -2.50 -12.14 15.69
CA LEU A 43 -2.65 -12.60 14.32
C LEU A 43 -2.73 -11.37 13.44
N CYS A 44 -1.82 -11.29 12.46
CA CYS A 44 -1.79 -10.17 11.54
CA CYS A 44 -1.77 -10.16 11.53
C CYS A 44 -2.21 -10.58 10.14
N VAL A 45 -3.21 -9.87 9.61
CA VAL A 45 -3.72 -10.09 8.27
C VAL A 45 -2.92 -9.20 7.32
N GLY A 46 -2.19 -9.82 6.40
CA GLY A 46 -1.31 -9.12 5.47
C GLY A 46 0.12 -9.12 5.98
N PHE A 47 1.08 -9.31 5.06
CA PHE A 47 2.50 -9.15 5.40
C PHE A 47 3.19 -8.22 4.40
N GLY A 48 2.67 -6.99 4.32
CA GLY A 48 3.33 -5.92 3.60
C GLY A 48 4.08 -5.05 4.58
N PRO A 49 4.57 -3.89 4.13
CA PRO A 49 5.34 -2.95 4.95
C PRO A 49 4.76 -2.72 6.36
N ALA A 50 3.45 -2.45 6.44
CA ALA A 50 2.78 -2.17 7.72
C ALA A 50 2.98 -3.29 8.75
N SER A 51 2.73 -4.53 8.34
CA SER A 51 2.91 -5.67 9.23
C SER A 51 4.38 -6.03 9.43
N LEU A 52 5.17 -5.86 8.38
CA LEU A 52 6.61 -6.10 8.46
C LEU A 52 7.26 -5.21 9.52
N ALA A 53 6.84 -3.95 9.58
CA ALA A 53 7.37 -2.99 10.56
C ALA A 53 6.99 -3.34 12.00
N ILE A 54 5.83 -3.97 12.18
CA ILE A 54 5.42 -4.51 13.48
C ILE A 54 6.31 -5.69 13.88
N ALA A 55 6.53 -6.61 12.93
CA ALA A 55 7.42 -7.75 13.15
C ALA A 55 8.82 -7.31 13.57
N ILE A 56 9.35 -6.30 12.87
CA ILE A 56 10.67 -5.73 13.15
C ILE A 56 10.72 -5.10 14.55
N ALA A 57 9.69 -4.33 14.88
CA ALA A 57 9.58 -3.68 16.18
C ALA A 57 9.52 -4.70 17.31
N LEU A 58 8.80 -5.80 17.10
CA LEU A 58 8.72 -6.87 18.10
C LEU A 58 10.07 -7.54 18.29
N HIS A 59 10.75 -7.85 17.18
CA HIS A 59 12.11 -8.39 17.24
C HIS A 59 13.00 -7.50 18.05
N ASP A 60 12.92 -6.19 17.81
CA ASP A 60 13.77 -5.21 18.48
C ASP A 60 13.44 -5.04 19.95
N ALA A 61 12.15 -5.07 20.29
CA ALA A 61 11.69 -5.01 21.68
C ALA A 61 12.12 -6.24 22.47
N LEU A 62 12.29 -7.36 21.78
CA LEU A 62 12.73 -8.61 22.41
C LEU A 62 14.25 -8.82 22.34
N ASP A 63 14.93 -7.93 21.61
CA ASP A 63 16.39 -7.99 21.49
C ASP A 63 17.03 -7.31 22.71
N PRO A 64 17.74 -8.09 23.56
CA PRO A 64 18.37 -7.56 24.76
C PRO A 64 19.44 -6.52 24.43
N ARG A 65 19.95 -6.58 23.20
CA ARG A 65 20.97 -5.66 22.71
C ARG A 65 20.44 -4.25 22.45
N LEU A 66 19.12 -4.15 22.25
CA LEU A 66 18.49 -2.87 21.97
C LEU A 66 17.57 -2.42 23.10
N ASN A 67 16.86 -3.38 23.68
CA ASN A 67 16.00 -3.16 24.84
C ASN A 67 16.52 -3.97 26.02
N LYS A 68 17.19 -3.29 26.94
CA LYS A 68 17.90 -3.94 28.05
C LYS A 68 16.99 -4.79 28.96
N SER A 69 15.71 -4.46 29.01
CA SER A 69 14.73 -5.19 29.82
C SER A 69 14.34 -6.54 29.21
N ALA A 70 14.68 -6.75 27.95
CA ALA A 70 14.32 -7.98 27.22
C ALA A 70 15.07 -9.23 27.70
N SER A 71 16.09 -9.02 28.53
CA SER A 71 16.87 -10.12 29.12
C SER A 71 16.03 -10.93 30.10
N ASN A 72 14.92 -10.34 30.57
CA ASN A 72 14.10 -10.94 31.61
C ASN A 72 12.75 -11.48 31.13
N ILE A 73 12.47 -11.37 29.83
CA ILE A 73 11.24 -11.92 29.26
C ILE A 73 11.28 -13.45 29.29
N HIS A 74 10.15 -14.05 29.65
CA HIS A 74 10.05 -15.51 29.78
C HIS A 74 9.72 -16.17 28.46
N ALA A 75 8.45 -16.12 28.07
CA ALA A 75 7.99 -16.80 26.87
C ALA A 75 7.89 -15.85 25.67
N GLN A 76 8.16 -16.40 24.49
CA GLN A 76 7.94 -15.69 23.22
C GLN A 76 6.43 -15.60 22.98
N PRO A 77 5.95 -14.41 22.56
CA PRO A 77 4.53 -14.30 22.21
C PRO A 77 4.16 -15.18 21.02
N LYS A 78 2.95 -15.72 21.05
CA LYS A 78 2.46 -16.56 19.97
C LYS A 78 1.87 -15.70 18.86
N ILE A 79 2.67 -15.51 17.81
CA ILE A 79 2.36 -14.57 16.74
C ILE A 79 2.34 -15.25 15.37
N CYS A 80 1.46 -14.79 14.48
CA CYS A 80 1.37 -15.31 13.12
C CYS A 80 0.92 -14.24 12.13
N PHE A 81 1.53 -14.27 10.94
CA PHE A 81 1.20 -13.34 9.86
C PHE A 81 0.66 -14.13 8.67
N LEU A 82 -0.47 -13.67 8.12
CA LEU A 82 -1.08 -14.33 6.96
C LEU A 82 -1.01 -13.45 5.72
N GLU A 83 -0.35 -13.94 4.67
CA GLU A 83 -0.16 -13.20 3.42
C GLU A 83 -0.69 -13.99 2.23
N ARG A 84 -1.44 -13.30 1.36
CA ARG A 84 -2.08 -13.98 0.22
C ARG A 84 -1.13 -14.26 -0.95
N GLN A 85 -0.11 -13.42 -1.11
CA GLN A 85 0.92 -13.63 -2.13
C GLN A 85 1.78 -14.85 -1.77
N LYS A 86 2.29 -15.53 -2.80
CA LYS A 86 3.13 -16.73 -2.61
C LYS A 86 4.40 -16.44 -1.81
N GLN A 87 4.93 -15.23 -1.96
CA GLN A 87 6.10 -14.77 -1.24
C GLN A 87 6.02 -13.25 -1.11
N PHE A 88 6.95 -12.66 -0.37
CA PHE A 88 6.96 -11.21 -0.20
C PHE A 88 7.22 -10.49 -1.52
N ALA A 89 6.31 -9.57 -1.85
CA ALA A 89 6.44 -8.71 -3.01
C ALA A 89 5.80 -7.37 -2.67
N TRP A 90 6.42 -6.28 -3.14
CA TRP A 90 5.93 -4.94 -2.82
C TRP A 90 5.52 -4.22 -4.08
N HIS A 91 4.20 -4.20 -4.32
CA HIS A 91 3.59 -3.64 -5.54
C HIS A 91 4.32 -4.07 -6.79
N SER A 92 4.39 -5.40 -6.99
CA SER A 92 5.18 -5.99 -8.07
C SER A 92 4.65 -5.66 -9.46
N GLY A 93 3.34 -5.44 -9.57
CA GLY A 93 2.70 -5.08 -10.83
C GLY A 93 3.07 -3.70 -11.32
N MET A 94 3.59 -2.86 -10.42
CA MET A 94 4.04 -1.51 -10.79
C MET A 94 5.55 -1.33 -10.67
N LEU A 95 6.31 -2.43 -10.69
CA LEU A 95 7.76 -2.36 -10.70
C LEU A 95 8.29 -1.99 -12.10
N VAL A 96 7.86 -0.83 -12.56
CA VAL A 96 8.31 -0.24 -13.81
C VAL A 96 9.84 -0.04 -13.74
N PRO A 97 10.56 -0.42 -14.81
CA PRO A 97 12.01 -0.20 -14.85
C PRO A 97 12.36 1.28 -14.61
N GLY A 98 13.38 1.51 -13.78
CA GLY A 98 13.83 2.87 -13.46
C GLY A 98 13.07 3.56 -12.34
N SER A 99 11.88 3.05 -12.00
CA SER A 99 11.02 3.70 -11.02
C SER A 99 11.68 3.85 -9.64
N LYS A 100 11.67 5.07 -9.13
CA LYS A 100 12.37 5.40 -7.88
C LYS A 100 11.43 5.53 -6.69
N MET A 101 12.03 5.51 -5.50
CA MET A 101 11.31 5.78 -4.25
C MET A 101 10.88 7.25 -4.18
N GLN A 102 9.78 7.49 -3.48
CA GLN A 102 9.25 8.85 -3.32
C GLN A 102 9.43 9.33 -1.87
N ILE A 103 10.40 8.74 -1.18
CA ILE A 103 10.65 9.02 0.23
C ILE A 103 12.12 8.73 0.58
N SER A 104 12.67 9.52 1.49
CA SER A 104 14.06 9.35 1.96
C SER A 104 14.26 7.96 2.57
N PHE A 105 15.40 7.34 2.26
CA PHE A 105 15.74 6.00 2.77
C PHE A 105 15.82 5.96 4.30
N ILE A 106 15.97 7.13 4.92
CA ILE A 106 15.98 7.26 6.38
C ILE A 106 14.62 6.86 6.96
N LYS A 107 13.57 7.03 6.18
CA LYS A 107 12.23 6.62 6.59
C LYS A 107 11.98 5.16 6.22
N ASP A 108 12.98 4.33 6.47
CA ASP A 108 12.87 2.89 6.31
C ASP A 108 12.09 2.28 7.48
N LEU A 109 12.18 0.97 7.64
CA LEU A 109 11.31 0.26 8.59
C LEU A 109 11.83 0.22 10.03
N ALA A 110 12.94 0.90 10.33
CA ALA A 110 13.52 0.85 11.68
C ALA A 110 14.17 2.15 12.17
N THR A 111 14.79 2.90 11.26
CA THR A 111 15.72 3.98 11.61
C THR A 111 15.14 5.09 12.51
N LEU A 112 13.94 5.59 12.19
CA LEU A 112 13.34 6.69 12.97
C LEU A 112 12.97 6.27 14.39
N ARG A 113 12.86 4.97 14.63
CA ARG A 113 12.61 4.44 15.96
C ARG A 113 13.91 4.09 16.68
N ASP A 114 14.84 3.46 15.95
CA ASP A 114 16.16 3.09 16.49
C ASP A 114 17.15 2.88 15.35
N PRO A 115 18.09 3.83 15.17
CA PRO A 115 19.14 3.69 14.15
C PRO A 115 20.13 2.54 14.42
N ARG A 116 20.10 2.00 15.64
CA ARG A 116 20.96 0.87 16.01
C ARG A 116 20.44 -0.48 15.50
N SER A 117 19.16 -0.52 15.14
CA SER A 117 18.49 -1.74 14.69
C SER A 117 19.19 -2.39 13.50
N SER A 118 19.21 -3.72 13.47
CA SER A 118 19.85 -4.46 12.37
C SER A 118 18.99 -4.45 11.11
N PHE A 119 17.78 -3.93 11.22
CA PHE A 119 16.82 -3.91 10.12
C PHE A 119 16.77 -2.60 9.33
N THR A 120 17.72 -1.69 9.59
CA THR A 120 17.79 -0.44 8.84
C THR A 120 18.24 -0.68 7.39
N PHE A 121 17.87 0.24 6.51
CA PHE A 121 18.29 0.19 5.11
C PHE A 121 19.82 0.20 4.95
N LEU A 122 20.50 0.95 5.82
CA LEU A 122 21.95 1.04 5.75
C LEU A 122 22.65 -0.26 6.16
N ASN A 123 22.14 -0.90 7.21
CA ASN A 123 22.66 -2.20 7.64
C ASN A 123 22.44 -3.28 6.59
N TYR A 124 21.29 -3.23 5.94
CA TYR A 124 20.97 -4.10 4.82
C TYR A 124 22.02 -3.99 3.71
N LEU A 125 22.33 -2.75 3.32
CA LEU A 125 23.34 -2.49 2.29
C LEU A 125 24.71 -3.03 2.71
N HIS A 126 25.07 -2.79 3.97
CA HIS A 126 26.31 -3.31 4.56
C HIS A 126 26.35 -4.82 4.50
N GLN A 127 25.23 -5.46 4.82
CA GLN A 127 25.10 -6.92 4.76
C GLN A 127 25.24 -7.47 3.34
N LYS A 128 24.80 -6.69 2.35
CA LYS A 128 24.88 -7.08 0.95
C LYS A 128 26.22 -6.71 0.32
N GLY A 129 27.08 -6.03 1.09
CA GLY A 129 28.36 -5.54 0.61
C GLY A 129 28.20 -4.41 -0.40
N ARG A 130 27.28 -3.50 -0.13
CA ARG A 130 26.88 -2.49 -1.11
C ARG A 130 26.81 -1.06 -0.54
N LEU A 131 27.16 -0.90 0.74
CA LEU A 131 27.02 0.39 1.43
C LEU A 131 27.88 1.51 0.85
N ILE A 132 29.15 1.23 0.57
CA ILE A 132 30.05 2.25 0.04
C ILE A 132 29.61 2.72 -1.36
N HIS A 133 29.06 1.80 -2.14
CA HIS A 133 28.58 2.08 -3.49
C HIS A 133 27.32 2.92 -3.49
N PHE A 134 26.37 2.60 -2.63
CA PHE A 134 25.15 3.42 -2.50
C PHE A 134 25.50 4.84 -2.09
N THR A 135 26.45 4.97 -1.17
CA THR A 135 26.98 6.26 -0.74
C THR A 135 27.43 7.13 -1.92
N ASN A 136 28.15 6.52 -2.86
CA ASN A 136 28.64 7.24 -4.05
C ASN A 136 27.57 7.72 -5.04
N LEU A 137 26.33 7.27 -4.85
CA LEU A 137 25.22 7.69 -5.69
C LEU A 137 24.67 9.06 -5.28
N SER A 138 24.99 9.48 -4.06
CA SER A 138 24.50 10.73 -3.45
C SER A 138 22.99 10.93 -3.63
N THR A 139 22.22 9.90 -3.28
CA THR A 139 20.75 9.96 -3.38
C THR A 139 20.06 9.43 -2.13
N PHE A 140 18.93 10.05 -1.79
CA PHE A 140 18.08 9.57 -0.71
C PHE A 140 16.97 8.68 -1.26
N LEU A 141 16.97 8.50 -2.58
CA LEU A 141 15.88 7.83 -3.26
C LEU A 141 16.34 6.58 -4.01
N PRO A 142 16.36 5.43 -3.31
CA PRO A 142 16.71 4.16 -3.94
C PRO A 142 15.71 3.79 -5.04
N ALA A 143 16.12 2.89 -5.94
CA ALA A 143 15.19 2.33 -6.91
C ALA A 143 14.12 1.54 -6.15
N ARG A 144 12.90 1.52 -6.67
CA ARG A 144 11.83 0.71 -6.11
C ARG A 144 12.29 -0.74 -6.00
N LEU A 145 12.93 -1.24 -7.06
CA LEU A 145 13.49 -2.59 -7.10
C LEU A 145 14.46 -2.87 -5.95
N GLU A 146 15.31 -1.89 -5.61
CA GLU A 146 16.25 -2.04 -4.49
C GLU A 146 15.55 -2.04 -3.14
N PHE A 147 14.62 -1.11 -2.94
CA PHE A 147 13.91 -0.99 -1.68
C PHE A 147 12.99 -2.17 -1.40
N GLU A 148 12.41 -2.76 -2.44
CA GLU A 148 11.64 -3.99 -2.30
C GLU A 148 12.55 -5.11 -1.81
N ASP A 149 13.77 -5.15 -2.35
CA ASP A 149 14.74 -6.15 -1.93
C ASP A 149 15.22 -5.94 -0.49
N TYR A 150 15.27 -4.68 -0.06
CA TYR A 150 15.57 -4.36 1.34
C TYR A 150 14.47 -4.92 2.25
N MET A 151 13.23 -4.78 1.83
CA MET A 151 12.09 -5.24 2.62
C MET A 151 11.91 -6.75 2.51
N ARG A 152 12.31 -7.31 1.37
CA ARG A 152 12.34 -8.77 1.18
C ARG A 152 13.36 -9.37 2.13
N TRP A 153 14.53 -8.75 2.22
CA TRP A 153 15.60 -9.12 3.15
C TRP A 153 15.13 -9.09 4.59
N CYS A 154 14.35 -8.08 4.94
CA CYS A 154 13.73 -7.99 6.27
C CYS A 154 12.71 -9.11 6.50
N ALA A 155 11.86 -9.32 5.49
CA ALA A 155 10.74 -10.26 5.58
C ALA A 155 11.19 -11.71 5.78
N GLN A 156 12.29 -12.08 5.15
CA GLN A 156 12.79 -13.46 5.16
C GLN A 156 13.18 -13.94 6.55
N GLN A 157 13.59 -13.01 7.41
CA GLN A 157 14.00 -13.32 8.78
C GLN A 157 12.80 -13.59 9.69
N PHE A 158 11.59 -13.47 9.12
CA PHE A 158 10.35 -13.80 9.84
C PHE A 158 9.57 -14.92 9.14
N SER A 159 10.26 -15.69 8.29
CA SER A 159 9.61 -16.73 7.49
C SER A 159 8.94 -17.82 8.32
N ASP A 160 9.48 -18.08 9.50
CA ASP A 160 8.92 -19.09 10.41
C ASP A 160 7.58 -18.69 11.02
N VAL A 161 7.28 -17.39 11.04
CA VAL A 161 6.00 -16.91 11.61
C VAL A 161 5.06 -16.30 10.57
N VAL A 162 5.38 -16.47 9.29
CA VAL A 162 4.55 -15.98 8.20
C VAL A 162 4.04 -17.15 7.36
N ALA A 163 2.71 -17.20 7.18
CA ALA A 163 2.11 -18.18 6.30
C ALA A 163 1.70 -17.53 4.98
N TYR A 164 2.48 -17.83 3.93
CA TYR A 164 2.21 -17.32 2.59
C TYR A 164 1.15 -18.15 1.88
N GLY A 165 0.57 -17.58 0.82
CA GLY A 165 -0.49 -18.24 0.06
C GLY A 165 -1.76 -18.39 0.85
N GLU A 166 -1.99 -17.46 1.78
CA GLU A 166 -3.17 -17.49 2.64
C GLU A 166 -3.95 -16.19 2.56
N GLU A 167 -5.11 -16.24 1.90
CA GLU A 167 -5.99 -15.10 1.80
C GLU A 167 -7.05 -15.18 2.89
N VAL A 168 -6.99 -14.25 3.82
CA VAL A 168 -7.98 -14.17 4.90
C VAL A 168 -9.34 -13.76 4.33
N VAL A 169 -10.37 -14.53 4.67
CA VAL A 169 -11.72 -14.27 4.16
C VAL A 169 -12.70 -13.70 5.19
N GLU A 170 -12.53 -14.04 6.46
CA GLU A 170 -13.37 -13.50 7.54
C GLU A 170 -12.76 -13.57 8.94
N VAL A 171 -13.19 -12.66 9.80
CA VAL A 171 -12.81 -12.63 11.21
C VAL A 171 -14.08 -12.85 12.02
N ILE A 172 -14.05 -13.86 12.90
CA ILE A 172 -15.24 -14.26 13.66
C ILE A 172 -15.02 -14.11 15.17
N PRO A 173 -15.94 -13.42 15.87
CA PRO A 173 -15.88 -13.35 17.33
C PRO A 173 -16.01 -14.73 17.99
N GLY A 174 -15.27 -14.91 19.08
CA GLY A 174 -15.28 -16.17 19.81
C GLY A 174 -15.40 -15.96 21.31
N LYS A 175 -16.10 -16.87 21.98
CA LYS A 175 -16.31 -16.83 23.42
C LYS A 175 -15.80 -18.12 24.04
N SER A 176 -14.72 -18.03 24.81
CA SER A 176 -14.12 -19.21 25.46
C SER A 176 -15.11 -19.86 26.43
N ASP A 177 -16.01 -19.04 26.99
CA ASP A 177 -17.19 -19.54 27.67
C ASP A 177 -18.39 -19.25 26.76
N PRO A 178 -18.83 -20.26 25.99
CA PRO A 178 -19.88 -20.10 24.98
C PRO A 178 -21.23 -19.67 25.55
N SER A 179 -21.47 -19.97 26.83
CA SER A 179 -22.72 -19.61 27.49
C SER A 179 -22.74 -18.16 27.99
N SER A 180 -21.57 -17.53 28.03
CA SER A 180 -21.46 -16.14 28.46
C SER A 180 -21.80 -15.18 27.31
N SER A 181 -21.80 -13.89 27.60
CA SER A 181 -22.05 -12.86 26.58
C SER A 181 -20.81 -11.99 26.37
N VAL A 182 -19.64 -12.56 26.66
CA VAL A 182 -18.37 -11.85 26.54
C VAL A 182 -17.47 -12.53 25.50
N VAL A 183 -17.04 -11.74 24.51
CA VAL A 183 -16.09 -12.18 23.49
C VAL A 183 -14.68 -11.94 24.00
N ASP A 184 -13.82 -12.96 23.87
CA ASP A 184 -12.45 -12.91 24.38
C ASP A 184 -11.40 -13.47 23.42
N PHE A 185 -11.84 -13.88 22.23
CA PHE A 185 -10.93 -14.26 21.14
C PHE A 185 -11.58 -14.10 19.77
N PHE A 186 -10.79 -14.28 18.72
CA PHE A 186 -11.27 -14.21 17.35
C PHE A 186 -10.74 -15.38 16.54
N THR A 187 -11.57 -15.91 15.65
CA THR A 187 -11.14 -16.90 14.68
C THR A 187 -10.85 -16.19 13.36
N VAL A 188 -9.64 -16.41 12.85
CA VAL A 188 -9.23 -15.86 11.56
C VAL A 188 -9.23 -17.01 10.55
N ARG A 189 -10.04 -16.86 9.51
CA ARG A 189 -10.20 -17.89 8.50
C ARG A 189 -9.56 -17.47 7.18
N SER A 190 -8.68 -18.31 6.66
CA SER A 190 -7.97 -18.02 5.42
C SER A 190 -8.10 -19.13 4.38
N ARG A 191 -8.26 -18.72 3.13
CA ARG A 191 -8.36 -19.63 2.00
C ARG A 191 -6.98 -19.81 1.36
N ASN A 192 -6.55 -21.06 1.25
CA ASN A 192 -5.31 -21.40 0.55
C ASN A 192 -5.46 -21.06 -0.93
N VAL A 193 -4.58 -20.20 -1.44
CA VAL A 193 -4.69 -19.68 -2.81
C VAL A 193 -4.51 -20.77 -3.88
N GLU A 194 -3.72 -21.80 -3.55
CA GLU A 194 -3.40 -22.88 -4.49
C GLU A 194 -4.40 -24.03 -4.42
N THR A 195 -4.84 -24.38 -3.21
CA THR A 195 -5.67 -25.56 -3.00
C THR A 195 -7.15 -25.24 -2.74
N GLY A 196 -7.42 -24.03 -2.25
CA GLY A 196 -8.80 -23.58 -2.03
C GLY A 196 -9.39 -23.90 -0.67
N GLU A 197 -8.63 -24.63 0.16
CA GLU A 197 -9.10 -25.07 1.47
C GLU A 197 -9.10 -23.94 2.51
N ILE A 198 -9.99 -24.05 3.50
CA ILE A 198 -10.10 -23.07 4.58
C ILE A 198 -9.38 -23.57 5.84
N SER A 199 -8.56 -22.69 6.42
CA SER A 199 -7.89 -22.93 7.70
C SER A 199 -8.38 -21.91 8.72
N ALA A 200 -8.29 -22.28 10.00
CA ALA A 200 -8.70 -21.39 11.08
C ALA A 200 -7.62 -21.24 12.14
N ARG A 201 -7.35 -20.00 12.53
CA ARG A 201 -6.41 -19.69 13.59
CA ARG A 201 -6.40 -19.70 13.59
C ARG A 201 -7.06 -18.79 14.63
N ARG A 202 -6.94 -19.17 15.90
CA ARG A 202 -7.53 -18.41 17.00
C ARG A 202 -6.50 -17.49 17.65
N THR A 203 -6.94 -16.26 17.93
CA THR A 203 -6.08 -15.25 18.53
C THR A 203 -6.86 -14.32 19.45
N ARG A 204 -6.17 -13.78 20.46
CA ARG A 204 -6.76 -12.76 21.32
C ARG A 204 -6.86 -11.43 20.58
N LYS A 205 -5.79 -11.08 19.87
CA LYS A 205 -5.68 -9.80 19.18
C LYS A 205 -5.41 -9.96 17.68
N VAL A 206 -6.10 -9.15 16.88
CA VAL A 206 -5.96 -9.16 15.43
C VAL A 206 -5.44 -7.80 14.93
N VAL A 207 -4.59 -7.84 13.91
CA VAL A 207 -4.20 -6.63 13.18
C VAL A 207 -4.59 -6.80 11.71
N ILE A 208 -5.34 -5.83 11.19
CA ILE A 208 -5.65 -5.79 9.76
C ILE A 208 -4.75 -4.76 9.09
N ALA A 209 -3.81 -5.26 8.29
CA ALA A 209 -2.88 -4.41 7.55
C ALA A 209 -2.80 -4.92 6.12
N ILE A 210 -3.87 -4.66 5.37
CA ILE A 210 -4.04 -5.25 4.04
C ILE A 210 -3.92 -4.25 2.88
N GLY A 211 -3.52 -3.03 3.19
CA GLY A 211 -3.33 -2.00 2.16
C GLY A 211 -4.63 -1.60 1.48
N GLY A 212 -4.55 -1.37 0.17
CA GLY A 212 -5.70 -0.92 -0.60
C GLY A 212 -6.03 -1.75 -1.83
N THR A 213 -7.26 -1.60 -2.30
CA THR A 213 -7.74 -2.28 -3.51
C THR A 213 -7.73 -1.32 -4.70
N ALA A 214 -7.57 -1.88 -5.89
CA ALA A 214 -7.58 -1.10 -7.13
C ALA A 214 -8.94 -0.41 -7.35
N LYS A 215 -8.89 0.90 -7.57
CA LYS A 215 -10.09 1.68 -7.88
C LYS A 215 -10.25 1.86 -9.39
N MET A 216 -11.40 1.43 -9.89
CA MET A 216 -11.74 1.59 -11.30
C MET A 216 -12.93 2.55 -11.41
N PRO A 217 -12.91 3.44 -12.43
CA PRO A 217 -14.08 4.27 -12.70
C PRO A 217 -15.29 3.40 -12.97
N SER A 218 -16.41 3.70 -12.31
CA SER A 218 -17.63 2.90 -12.39
C SER A 218 -18.25 2.86 -13.79
N GLY A 219 -17.96 3.88 -14.59
CA GLY A 219 -18.50 3.99 -15.95
C GLY A 219 -17.82 3.08 -16.97
N LEU A 220 -16.60 2.64 -16.68
CA LEU A 220 -15.86 1.75 -17.57
C LEU A 220 -16.33 0.31 -17.46
N PRO A 221 -16.53 -0.36 -18.62
CA PRO A 221 -16.98 -1.75 -18.62
C PRO A 221 -15.83 -2.75 -18.43
N GLN A 222 -16.16 -3.98 -18.07
CA GLN A 222 -15.18 -5.03 -17.89
C GLN A 222 -14.71 -5.60 -19.23
N ASP A 223 -13.39 -5.67 -19.38
CA ASP A 223 -12.75 -6.15 -20.61
C ASP A 223 -11.29 -6.46 -20.29
N PRO A 224 -10.75 -7.59 -20.82
CA PRO A 224 -9.35 -7.95 -20.61
C PRO A 224 -8.35 -6.91 -21.12
N ARG A 225 -8.80 -6.02 -22.00
CA ARG A 225 -7.96 -4.96 -22.55
C ARG A 225 -7.96 -3.70 -21.67
N ILE A 226 -8.87 -3.65 -20.70
CA ILE A 226 -8.90 -2.57 -19.71
C ILE A 226 -8.27 -3.07 -18.41
N ILE A 227 -7.08 -2.55 -18.11
CA ILE A 227 -6.24 -3.05 -17.02
C ILE A 227 -5.86 -1.93 -16.04
N HIS A 228 -6.03 -2.17 -14.75
CA HIS A 228 -5.60 -1.23 -13.72
C HIS A 228 -4.10 -1.16 -13.62
N SER A 229 -3.58 0.01 -13.29
CA SER A 229 -2.13 0.25 -13.17
C SER A 229 -1.42 -0.77 -12.29
N SER A 230 -2.08 -1.20 -11.22
CA SER A 230 -1.54 -2.19 -10.29
C SER A 230 -1.12 -3.50 -10.95
N LYS A 231 -1.63 -3.74 -12.16
CA LYS A 231 -1.35 -4.98 -12.89
C LYS A 231 -0.56 -4.75 -14.18
N TYR A 232 0.10 -3.59 -14.28
CA TYR A 232 0.82 -3.18 -15.48
C TYR A 232 1.93 -4.13 -15.92
N CYS A 233 2.80 -4.51 -14.98
CA CYS A 233 3.91 -5.41 -15.29
C CYS A 233 3.45 -6.87 -15.37
N THR A 234 2.32 -7.16 -14.72
CA THR A 234 1.80 -8.52 -14.62
C THR A 234 0.94 -8.92 -15.84
N THR A 235 -0.02 -8.07 -16.17
CA THR A 235 -1.12 -8.46 -17.08
C THR A 235 -0.93 -8.00 -18.53
N LEU A 236 -0.36 -6.80 -18.72
CA LEU A 236 -0.20 -6.22 -20.06
C LEU A 236 0.67 -7.05 -21.04
N PRO A 237 1.87 -7.51 -20.60
CA PRO A 237 2.70 -8.31 -21.50
C PRO A 237 2.04 -9.62 -21.97
N ALA A 238 1.12 -10.14 -21.17
CA ALA A 238 0.34 -11.33 -21.53
C ALA A 238 -0.66 -11.04 -22.64
N LEU A 239 -1.16 -9.80 -22.68
CA LEU A 239 -2.17 -9.36 -23.65
C LEU A 239 -1.53 -8.85 -24.95
N LEU A 240 -0.46 -8.07 -24.81
CA LEU A 240 0.26 -7.52 -25.96
C LEU A 240 1.65 -8.16 -26.01
N LYS A 241 1.69 -9.37 -26.54
CA LYS A 241 2.88 -10.23 -26.49
C LYS A 241 4.05 -9.78 -27.34
N ASP A 242 3.77 -9.19 -28.50
CA ASP A 242 4.82 -8.71 -29.40
C ASP A 242 5.17 -7.25 -29.10
N LYS A 243 6.38 -7.04 -28.58
CA LYS A 243 6.85 -5.72 -28.16
C LYS A 243 7.19 -4.80 -29.33
N SER A 244 7.30 -5.36 -30.53
CA SER A 244 7.69 -4.59 -31.71
C SER A 244 6.50 -4.18 -32.60
N LYS A 245 5.31 -4.69 -32.28
CA LYS A 245 4.09 -4.39 -33.05
C LYS A 245 3.63 -2.94 -32.88
N PRO A 246 2.94 -2.39 -33.89
CA PRO A 246 2.39 -1.03 -33.76
C PRO A 246 1.03 -1.00 -33.07
N TYR A 247 1.05 -1.01 -31.74
CA TYR A 247 -0.18 -0.94 -30.95
C TYR A 247 -0.61 0.51 -30.71
N ASN A 248 -1.90 0.68 -30.42
CA ASN A 248 -2.40 1.92 -29.85
C ASN A 248 -2.72 1.67 -28.38
N ILE A 249 -2.05 2.39 -27.49
CA ILE A 249 -2.21 2.17 -26.05
C ILE A 249 -2.57 3.47 -25.33
N ALA A 250 -3.70 3.45 -24.62
CA ALA A 250 -4.16 4.61 -23.87
C ALA A 250 -3.89 4.47 -22.37
N VAL A 251 -3.63 5.60 -21.71
CA VAL A 251 -3.46 5.63 -20.25
C VAL A 251 -4.44 6.66 -19.68
N LEU A 252 -5.24 6.23 -18.72
CA LEU A 252 -6.17 7.12 -18.04
C LEU A 252 -5.67 7.48 -16.64
N GLY A 253 -5.54 8.77 -16.38
CA GLY A 253 -5.08 9.27 -15.09
C GLY A 253 -4.00 10.33 -15.23
N SER A 254 -3.66 10.98 -14.13
CA SER A 254 -2.61 12.00 -14.12
C SER A 254 -1.79 11.99 -12.82
N GLY A 255 -1.80 10.85 -12.12
CA GLY A 255 -0.99 10.70 -10.91
C GLY A 255 0.38 10.10 -11.23
N GLN A 256 1.09 9.71 -10.18
CA GLN A 256 2.42 9.10 -10.34
C GLN A 256 2.35 7.82 -11.18
N SER A 257 1.33 7.00 -10.94
CA SER A 257 1.15 5.74 -11.67
C SER A 257 0.98 5.95 -13.17
N ALA A 258 0.14 6.90 -13.56
CA ALA A 258 -0.12 7.19 -14.98
C ALA A 258 1.11 7.73 -15.70
N ALA A 259 1.82 8.64 -15.04
CA ALA A 259 3.02 9.24 -15.59
C ALA A 259 4.11 8.19 -15.78
N GLU A 260 4.27 7.31 -14.81
CA GLU A 260 5.24 6.22 -14.88
C GLU A 260 4.96 5.26 -16.02
N ILE A 261 3.68 4.87 -16.17
CA ILE A 261 3.27 3.95 -17.23
C ILE A 261 3.43 4.58 -18.61
N PHE A 262 2.94 5.82 -18.75
CA PHE A 262 3.04 6.58 -19.99
C PHE A 262 4.49 6.77 -20.44
N HIS A 263 5.37 7.04 -19.48
CA HIS A 263 6.79 7.20 -19.79
C HIS A 263 7.43 5.89 -20.14
N ASP A 264 7.02 4.82 -19.47
CA ASP A 264 7.57 3.48 -19.70
C ASP A 264 7.16 2.90 -21.06
N LEU A 265 5.92 3.16 -21.46
CA LEU A 265 5.37 2.58 -22.70
C LEU A 265 6.20 2.86 -23.95
N GLN A 266 6.76 4.07 -24.06
CA GLN A 266 7.57 4.45 -25.21
C GLN A 266 8.86 3.62 -25.30
N LYS A 267 9.27 3.05 -24.17
CA LYS A 267 10.47 2.21 -24.09
C LYS A 267 10.10 0.74 -24.24
N ARG A 268 9.06 0.32 -23.54
CA ARG A 268 8.58 -1.07 -23.58
C ARG A 268 7.99 -1.43 -24.96
N TYR A 269 7.23 -0.51 -25.53
CA TYR A 269 6.65 -0.70 -26.87
C TYR A 269 7.08 0.45 -27.80
N PRO A 270 8.30 0.35 -28.37
CA PRO A 270 8.94 1.45 -29.12
C PRO A 270 8.20 1.91 -30.38
N ASN A 271 7.38 1.02 -30.96
CA ASN A 271 6.66 1.33 -32.19
C ASN A 271 5.17 1.60 -31.96
N SER A 272 4.76 1.65 -30.70
CA SER A 272 3.37 1.86 -30.34
C SER A 272 3.02 3.33 -30.20
N ARG A 273 1.77 3.65 -30.54
CA ARG A 273 1.23 5.00 -30.39
C ARG A 273 0.48 5.10 -29.06
N THR A 274 0.95 5.99 -28.19
CA THR A 274 0.42 6.11 -26.83
C THR A 274 -0.34 7.41 -26.61
N THR A 275 -1.35 7.35 -25.75
CA THR A 275 -2.16 8.51 -25.41
C THR A 275 -2.36 8.60 -23.90
N LEU A 276 -2.16 9.79 -23.34
CA LEU A 276 -2.48 10.04 -21.93
C LEU A 276 -3.77 10.85 -21.84
N ILE A 277 -4.78 10.24 -21.23
CA ILE A 277 -6.08 10.88 -21.05
C ILE A 277 -6.23 11.31 -19.59
N MET A 278 -6.34 12.61 -19.37
CA MET A 278 -6.56 13.17 -18.03
C MET A 278 -7.71 14.16 -18.03
N ARG A 279 -8.38 14.28 -16.88
CA ARG A 279 -9.48 15.24 -16.73
C ARG A 279 -9.00 16.59 -16.18
N ASP A 280 -7.83 16.59 -15.55
CA ASP A 280 -7.16 17.83 -15.17
C ASP A 280 -6.52 18.45 -16.41
N SER A 281 -6.09 19.70 -16.29
CA SER A 281 -5.44 20.40 -17.40
C SER A 281 -3.99 19.96 -17.59
N ALA A 282 -3.35 19.51 -16.52
CA ALA A 282 -1.93 19.16 -16.55
C ALA A 282 -1.51 18.25 -15.39
N MET A 283 -0.38 17.56 -15.57
CA MET A 283 0.30 16.89 -14.46
C MET A 283 0.84 17.94 -13.51
N ARG A 284 0.69 17.70 -12.21
CA ARG A 284 1.09 18.67 -11.19
C ARG A 284 2.11 18.06 -10.22
N PRO A 285 3.10 18.86 -9.79
CA PRO A 285 4.18 18.28 -8.99
C PRO A 285 3.76 17.90 -7.56
N SER A 286 4.32 16.80 -7.07
CA SER A 286 4.17 16.41 -5.69
C SER A 286 4.91 17.42 -4.81
N ASP A 287 4.33 17.72 -3.65
CA ASP A 287 4.92 18.69 -2.73
C ASP A 287 5.67 18.02 -1.59
N ASP A 288 7.00 18.15 -1.60
CA ASP A 288 7.82 17.69 -0.48
C ASP A 288 8.70 18.80 0.10
N SER A 289 8.26 20.05 -0.08
CA SER A 289 8.94 21.22 0.50
C SER A 289 8.98 21.07 2.03
N PRO A 290 10.15 21.37 2.63
CA PRO A 290 10.46 20.97 4.02
C PRO A 290 9.40 21.33 5.08
N PHE A 291 8.95 22.58 5.13
CA PHE A 291 7.94 23.00 6.11
C PHE A 291 6.63 22.21 5.96
N VAL A 292 6.18 22.07 4.72
CA VAL A 292 4.98 21.30 4.39
C VAL A 292 5.19 19.82 4.72
N ASN A 293 6.38 19.30 4.40
CA ASN A 293 6.72 17.89 4.61
C ASN A 293 6.61 17.43 6.07
N GLU A 294 6.70 18.39 7.00
CA GLU A 294 6.66 18.11 8.43
C GLU A 294 5.36 17.47 8.93
N ILE A 295 4.30 17.50 8.11
CA ILE A 295 3.06 16.78 8.43
C ILE A 295 3.30 15.27 8.50
N PHE A 296 4.37 14.82 7.85
CA PHE A 296 4.72 13.40 7.82
C PHE A 296 5.58 12.95 9.02
N ASN A 297 5.98 13.90 9.87
CA ASN A 297 6.76 13.58 11.08
C ASN A 297 5.96 12.68 12.03
N PRO A 298 6.60 11.61 12.54
CA PRO A 298 5.95 10.65 13.43
C PRO A 298 5.22 11.26 14.63
N GLU A 299 5.81 12.29 15.23
CA GLU A 299 5.22 12.95 16.40
CA GLU A 299 5.23 12.96 16.40
C GLU A 299 4.00 13.79 16.06
N ARG A 300 3.80 14.07 14.77
CA ARG A 300 2.66 14.88 14.31
C ARG A 300 1.34 14.12 14.29
N VAL A 301 1.41 12.79 14.30
CA VAL A 301 0.21 11.92 14.36
C VAL A 301 -0.63 12.23 15.61
N ASP A 302 0.06 12.44 16.75
CA ASP A 302 -0.58 12.90 17.98
C ASP A 302 -1.39 14.17 17.75
N LYS A 303 -0.75 15.16 17.14
CA LYS A 303 -1.35 16.47 16.91
C LYS A 303 -2.51 16.39 15.92
N PHE A 304 -2.34 15.59 14.87
CA PHE A 304 -3.38 15.40 13.85
C PHE A 304 -4.60 14.67 14.41
N TYR A 305 -4.37 13.60 15.17
CA TYR A 305 -5.46 12.82 15.75
C TYR A 305 -6.32 13.66 16.69
N SER A 306 -5.67 14.55 17.44
CA SER A 306 -6.34 15.38 18.44
C SER A 306 -7.19 16.51 17.85
N GLN A 307 -7.08 16.73 16.54
CA GLN A 307 -7.91 17.72 15.84
C GLN A 307 -9.35 17.21 15.67
N SER A 308 -10.26 18.13 15.41
CA SER A 308 -11.67 17.77 15.15
C SER A 308 -11.85 17.27 13.72
N ALA A 309 -12.99 16.65 13.46
CA ALA A 309 -13.34 16.16 12.12
C ALA A 309 -13.25 17.25 11.06
N ALA A 310 -13.70 18.45 11.42
CA ALA A 310 -13.66 19.61 10.52
C ALA A 310 -12.23 20.02 10.16
N GLU A 311 -11.37 20.17 11.18
CA GLU A 311 -9.97 20.52 10.97
C GLU A 311 -9.16 19.43 10.27
N ARG A 312 -9.53 18.18 10.50
CA ARG A 312 -8.85 17.03 9.87
C ARG A 312 -9.17 16.94 8.39
N GLN A 313 -10.45 17.06 8.04
CA GLN A 313 -10.91 17.09 6.65
C GLN A 313 -10.31 18.29 5.90
N ARG A 314 -10.34 19.45 6.56
CA ARG A 314 -9.76 20.69 6.03
C ARG A 314 -8.25 20.56 5.85
N SER A 315 -7.59 19.89 6.79
CA SER A 315 -6.15 19.69 6.76
C SER A 315 -5.71 18.72 5.65
N LEU A 316 -6.48 17.65 5.47
CA LEU A 316 -6.21 16.65 4.43
C LEU A 316 -6.32 17.26 3.04
N LEU A 317 -7.36 18.08 2.84
CA LEU A 317 -7.60 18.75 1.57
C LEU A 317 -6.52 19.80 1.27
N ALA A 318 -6.09 20.52 2.30
CA ALA A 318 -5.07 21.56 2.17
C ALA A 318 -3.68 21.03 1.81
N ASP A 319 -3.41 19.76 2.15
CA ASP A 319 -2.10 19.17 1.91
C ASP A 319 -2.11 18.00 0.90
N LYS A 320 -3.21 17.86 0.17
CA LYS A 320 -3.42 16.79 -0.81
C LYS A 320 -2.27 16.63 -1.83
N ALA A 321 -1.70 17.76 -2.24
CA ALA A 321 -0.63 17.78 -3.24
C ALA A 321 0.68 17.11 -2.79
N THR A 322 0.70 16.62 -1.55
CA THR A 322 1.87 15.90 -1.03
C THR A 322 1.85 14.43 -1.43
N ASN A 323 0.67 13.93 -1.82
CA ASN A 323 0.49 12.49 -2.03
C ASN A 323 -0.43 12.09 -3.19
N TYR A 324 -1.49 12.85 -3.43
CA TYR A 324 -2.53 12.44 -4.38
C TYR A 324 -2.60 13.28 -5.65
N SER A 325 -2.91 12.61 -6.77
CA SER A 325 -3.03 13.25 -8.08
C SER A 325 -1.81 14.10 -8.44
N VAL A 326 -0.65 13.68 -7.96
CA VAL A 326 0.58 14.45 -8.16
C VAL A 326 1.71 13.57 -8.70
N VAL A 327 2.63 14.19 -9.43
CA VAL A 327 3.76 13.49 -10.03
C VAL A 327 5.05 14.14 -9.56
N ARG A 328 6.09 13.34 -9.36
CA ARG A 328 7.41 13.87 -9.03
C ARG A 328 7.88 14.80 -10.14
N LEU A 329 8.39 15.97 -9.74
CA LEU A 329 8.83 17.00 -10.69
C LEU A 329 9.75 16.47 -11.80
N GLU A 330 10.79 15.72 -11.42
CA GLU A 330 11.76 15.18 -12.38
C GLU A 330 11.08 14.37 -13.49
N LEU A 331 10.06 13.59 -13.12
CA LEU A 331 9.30 12.81 -14.10
C LEU A 331 8.46 13.69 -15.03
N ILE A 332 7.78 14.70 -14.48
CA ILE A 332 7.02 15.65 -15.29
C ILE A 332 7.93 16.29 -16.33
N GLU A 333 9.06 16.82 -15.87
CA GLU A 333 10.06 17.44 -16.75
C GLU A 333 10.56 16.50 -17.82
N GLU A 334 10.82 15.24 -17.44
CA GLU A 334 11.30 14.22 -18.37
C GLU A 334 10.28 13.98 -19.48
N ILE A 335 9.02 13.77 -19.09
CA ILE A 335 7.93 13.64 -20.04
C ILE A 335 7.80 14.89 -20.93
N TYR A 336 7.76 16.06 -20.29
CA TYR A 336 7.70 17.33 -21.03
C TYR A 336 8.82 17.45 -22.05
N ASN A 337 10.05 17.14 -21.62
CA ASN A 337 11.20 17.17 -22.52
C ASN A 337 11.00 16.29 -23.76
N ASP A 338 10.51 15.06 -23.53
CA ASP A 338 10.19 14.13 -24.63
C ASP A 338 9.16 14.72 -25.58
N MET A 339 8.14 15.36 -25.03
CA MET A 339 7.10 16.00 -25.82
C MET A 339 7.69 17.11 -26.70
N TYR A 340 8.60 17.91 -26.12
CA TYR A 340 9.27 18.97 -26.88
C TYR A 340 10.11 18.40 -28.02
N LEU A 341 10.76 17.26 -27.79
CA LEU A 341 11.57 16.62 -28.82
C LEU A 341 10.71 16.18 -30.01
N GLN A 342 9.47 15.78 -29.74
CA GLN A 342 8.50 15.51 -30.79
C GLN A 342 8.16 16.78 -31.58
N ARG A 343 8.09 17.92 -30.89
CA ARG A 343 7.81 19.21 -31.55
C ARG A 343 8.96 19.63 -32.48
N VAL A 344 10.19 19.38 -32.05
CA VAL A 344 11.38 19.62 -32.89
C VAL A 344 11.26 18.85 -34.22
N LYS A 345 10.90 17.58 -34.13
CA LYS A 345 10.80 16.70 -35.29
C LYS A 345 9.56 16.95 -36.14
N ASN A 346 8.48 17.36 -35.49
CA ASN A 346 7.20 17.58 -36.16
C ASN A 346 6.37 18.66 -35.46
N PRO A 347 6.12 19.79 -36.15
CA PRO A 347 5.34 20.89 -35.58
C PRO A 347 3.86 20.56 -35.44
N ASP A 348 3.43 19.48 -36.09
CA ASP A 348 2.04 19.05 -36.08
C ASP A 348 1.78 18.07 -34.91
N GLU A 349 1.12 18.59 -33.88
CA GLU A 349 0.81 17.82 -32.67
CA GLU A 349 0.82 17.82 -32.67
C GLU A 349 -0.01 16.57 -32.96
N THR A 350 -0.89 16.64 -33.95
CA THR A 350 -1.76 15.50 -34.29
C THR A 350 -1.02 14.32 -34.95
N GLN A 351 0.24 14.53 -35.33
CA GLN A 351 1.06 13.49 -35.95
C GLN A 351 1.98 12.78 -34.96
N TRP A 352 2.04 13.28 -33.72
CA TRP A 352 2.96 12.74 -32.72
C TRP A 352 2.64 11.33 -32.32
N GLN A 353 3.69 10.54 -32.13
CA GLN A 353 3.57 9.15 -31.70
C GLN A 353 3.00 9.06 -30.28
N HIS A 354 3.43 9.96 -29.41
CA HIS A 354 2.98 9.97 -28.01
C HIS A 354 2.31 11.28 -27.71
N ARG A 355 1.05 11.21 -27.30
CA ARG A 355 0.22 12.40 -27.11
C ARG A 355 -0.45 12.45 -25.73
N ILE A 356 -0.80 13.66 -25.30
CA ILE A 356 -1.49 13.89 -24.03
C ILE A 356 -2.76 14.69 -24.30
N LEU A 357 -3.90 14.15 -23.87
CA LEU A 357 -5.18 14.82 -24.07
C LEU A 357 -5.74 15.34 -22.74
N PRO A 358 -5.50 16.63 -22.45
CA PRO A 358 -5.90 17.28 -21.19
C PRO A 358 -7.39 17.58 -21.14
N GLU A 359 -7.93 17.64 -19.93
CA GLU A 359 -9.33 17.98 -19.67
C GLU A 359 -10.31 17.16 -20.53
N ARG A 360 -10.10 15.85 -20.55
CA ARG A 360 -10.98 14.92 -21.25
C ARG A 360 -11.55 13.89 -20.28
N LYS A 361 -12.75 13.39 -20.60
CA LYS A 361 -13.30 12.23 -19.90
C LYS A 361 -13.84 11.20 -20.89
N ILE A 362 -13.76 9.92 -20.51
CA ILE A 362 -14.32 8.83 -21.31
C ILE A 362 -15.82 8.75 -21.05
N THR A 363 -16.60 8.70 -22.13
CA THR A 363 -18.07 8.63 -22.03
C THR A 363 -18.61 7.29 -22.50
N ARG A 364 -17.95 6.68 -23.49
CA ARG A 364 -18.35 5.37 -24.01
C ARG A 364 -17.15 4.57 -24.49
N VAL A 365 -17.19 3.26 -24.24
CA VAL A 365 -16.18 2.33 -24.75
C VAL A 365 -16.85 1.22 -25.56
N GLU A 366 -16.58 1.20 -26.86
CA GLU A 366 -17.02 0.12 -27.73
C GLU A 366 -15.99 -0.99 -27.65
N HIS A 367 -16.44 -2.21 -27.36
CA HIS A 367 -15.55 -3.35 -27.18
C HIS A 367 -16.19 -4.67 -27.55
N HIS A 368 -17.11 -4.61 -28.52
CA HIS A 368 -17.76 -5.80 -29.06
C HIS A 368 -17.51 -5.95 -30.54
N GLY A 369 -16.66 -5.07 -31.08
CA GLY A 369 -16.29 -5.10 -32.50
C GLY A 369 -15.38 -6.26 -32.85
N PRO A 370 -15.36 -6.65 -34.13
CA PRO A 370 -14.59 -7.81 -34.60
C PRO A 370 -13.07 -7.63 -34.51
N GLN A 371 -12.62 -6.38 -34.54
CA GLN A 371 -11.19 -6.05 -34.46
C GLN A 371 -10.64 -6.18 -33.04
N SER A 372 -9.32 -6.12 -32.91
CA SER A 372 -8.67 -6.23 -31.61
C SER A 372 -8.70 -4.92 -30.83
N ARG A 373 -9.06 -3.84 -31.53
CA ARG A 373 -9.05 -2.50 -30.95
C ARG A 373 -10.42 -2.05 -30.43
N MET A 374 -10.42 -1.56 -29.20
CA MET A 374 -11.60 -0.93 -28.60
C MET A 374 -11.73 0.48 -29.13
N ARG A 375 -12.94 1.04 -29.08
CA ARG A 375 -13.17 2.40 -29.51
C ARG A 375 -13.62 3.28 -28.34
N ILE A 376 -12.76 4.23 -27.98
CA ILE A 376 -12.98 5.09 -26.81
C ILE A 376 -13.50 6.47 -27.23
N HIS A 377 -14.70 6.81 -26.75
CA HIS A 377 -15.33 8.09 -27.04
C HIS A 377 -15.02 9.09 -25.95
N LEU A 378 -14.48 10.23 -26.35
CA LEU A 378 -14.05 11.25 -25.39
C LEU A 378 -14.87 12.52 -25.46
N LYS A 379 -14.94 13.22 -24.33
CA LYS A 379 -15.59 14.53 -24.22
C LYS A 379 -14.76 15.43 -23.30
N SER A 380 -15.07 16.72 -23.31
CA SER A 380 -14.44 17.69 -22.41
C SER A 380 -14.81 17.40 -20.95
N SER A 381 -13.85 17.60 -20.05
CA SER A 381 -14.08 17.38 -18.62
C SER A 381 -14.70 18.60 -17.93
N LYS A 382 -14.82 19.70 -18.68
CA LYS A 382 -15.42 20.94 -18.19
C LYS A 382 -16.94 20.81 -18.08
N PRO A 383 -17.55 21.57 -17.15
CA PRO A 383 -19.02 21.59 -17.06
C PRO A 383 -19.65 22.45 -18.15
N VAL A 392 -18.53 15.34 -29.02
CA VAL A 392 -17.94 16.65 -28.72
C VAL A 392 -16.44 16.65 -28.99
N LYS A 393 -15.75 15.60 -28.54
CA LYS A 393 -14.31 15.46 -28.77
C LYS A 393 -13.95 14.24 -29.63
N GLU A 394 -12.66 13.87 -29.63
CA GLU A 394 -12.14 12.82 -30.50
C GLU A 394 -12.51 11.40 -30.08
N THR A 395 -12.32 10.46 -31.00
CA THR A 395 -12.47 9.03 -30.73
C THR A 395 -11.10 8.35 -30.88
N LEU A 396 -10.76 7.50 -29.92
CA LEU A 396 -9.51 6.75 -29.95
C LEU A 396 -9.75 5.25 -30.13
N GLU A 397 -8.96 4.64 -31.03
CA GLU A 397 -9.00 3.20 -31.23
C GLU A 397 -7.74 2.60 -30.60
N VAL A 398 -7.92 1.77 -29.56
CA VAL A 398 -6.80 1.26 -28.78
C VAL A 398 -6.82 -0.26 -28.56
N ASP A 399 -5.63 -0.85 -28.47
CA ASP A 399 -5.47 -2.27 -28.20
C ASP A 399 -5.58 -2.56 -26.70
N ALA A 400 -5.28 -1.55 -25.89
CA ALA A 400 -5.33 -1.67 -24.43
C ALA A 400 -5.52 -0.30 -23.78
N LEU A 401 -6.26 -0.28 -22.67
CA LEU A 401 -6.42 0.93 -21.86
C LEU A 401 -5.89 0.71 -20.44
N MET A 402 -4.76 1.33 -20.14
CA MET A 402 -4.20 1.30 -18.79
C MET A 402 -4.91 2.32 -17.91
N VAL A 403 -5.55 1.83 -16.85
CA VAL A 403 -6.34 2.66 -15.97
C VAL A 403 -5.57 2.91 -14.67
N ALA A 404 -4.98 4.10 -14.56
CA ALA A 404 -4.24 4.50 -13.37
C ALA A 404 -5.06 5.49 -12.54
N THR A 405 -6.14 4.98 -11.96
CA THR A 405 -7.09 5.82 -11.22
C THR A 405 -7.04 5.62 -9.70
N GLY A 406 -5.90 5.12 -9.21
CA GLY A 406 -5.65 5.02 -7.78
C GLY A 406 -6.31 3.85 -7.07
N TYR A 407 -6.46 3.99 -5.75
CA TYR A 407 -6.86 2.89 -4.89
C TYR A 407 -7.95 3.29 -3.89
N ASN A 408 -8.74 2.31 -3.46
CA ASN A 408 -9.63 2.45 -2.33
C ASN A 408 -9.10 1.68 -1.13
N ARG A 409 -9.49 2.07 0.08
CA ARG A 409 -9.07 1.39 1.30
C ARG A 409 -10.27 0.96 2.15
N ASN A 410 -11.05 0.01 1.65
CA ASN A 410 -12.25 -0.47 2.34
C ASN A 410 -12.39 -2.00 2.36
N ALA A 411 -11.29 -2.71 2.09
CA ALA A 411 -11.33 -4.17 2.03
C ALA A 411 -11.51 -4.80 3.41
N HIS A 412 -11.09 -4.09 4.45
CA HIS A 412 -11.22 -4.56 5.83
C HIS A 412 -12.66 -4.69 6.28
N GLU A 413 -13.53 -3.87 5.69
CA GLU A 413 -14.96 -3.88 5.99
C GLU A 413 -15.62 -5.23 5.75
N ARG A 414 -15.23 -5.90 4.66
CA ARG A 414 -15.76 -7.21 4.29
C ARG A 414 -15.34 -8.28 5.30
N LEU A 415 -14.06 -8.25 5.69
CA LEU A 415 -13.49 -9.18 6.65
C LEU A 415 -14.02 -8.99 8.08
N LEU A 416 -14.57 -7.82 8.37
CA LEU A 416 -15.00 -7.49 9.73
C LEU A 416 -16.52 -7.42 9.90
N SER A 417 -17.26 -7.96 8.93
CA SER A 417 -18.73 -7.89 8.95
C SER A 417 -19.37 -8.64 10.13
N LYS A 418 -18.81 -9.80 10.46
CA LYS A 418 -19.32 -10.64 11.54
C LYS A 418 -18.97 -10.13 12.96
N VAL A 419 -18.05 -9.17 13.04
CA VAL A 419 -17.66 -8.58 14.33
C VAL A 419 -18.26 -7.17 14.50
N GLN A 420 -19.03 -6.73 13.50
CA GLN A 420 -19.68 -5.42 13.52
C GLN A 420 -20.56 -5.18 14.74
N HIS A 421 -21.29 -6.23 15.17
CA HIS A 421 -22.24 -6.12 16.28
C HIS A 421 -21.57 -5.93 17.63
N LEU A 422 -20.25 -6.11 17.67
CA LEU A 422 -19.46 -5.90 18.89
C LEU A 422 -19.08 -4.43 19.10
N ARG A 423 -19.29 -3.60 18.08
CA ARG A 423 -19.14 -2.14 18.21
C ARG A 423 -20.27 -1.60 19.10
N PRO A 424 -20.09 -0.39 19.68
CA PRO A 424 -21.17 0.21 20.46
C PRO A 424 -22.46 0.34 19.65
N THR A 425 -23.60 0.14 20.32
CA THR A 425 -24.92 0.17 19.68
C THR A 425 -25.09 1.35 18.73
N GLY A 426 -25.55 1.07 17.51
CA GLY A 426 -25.88 2.10 16.53
C GLY A 426 -24.72 2.69 15.74
N GLN A 427 -23.50 2.34 16.12
CA GLN A 427 -22.29 2.84 15.48
C GLN A 427 -21.98 2.03 14.23
N ASP A 428 -22.13 2.65 13.05
CA ASP A 428 -22.01 1.93 11.78
C ASP A 428 -20.69 2.14 11.03
N GLN A 429 -19.66 2.57 11.76
CA GLN A 429 -18.31 2.68 11.22
C GLN A 429 -17.27 2.38 12.29
N TRP A 430 -16.18 1.74 11.89
CA TRP A 430 -15.08 1.42 12.80
C TRP A 430 -14.35 2.66 13.22
N LYS A 431 -14.24 2.84 14.54
CA LYS A 431 -13.61 4.03 15.11
C LYS A 431 -12.27 3.66 15.77
N PRO A 432 -11.16 3.84 15.03
CA PRO A 432 -9.85 3.53 15.60
C PRO A 432 -9.40 4.60 16.60
N HIS A 433 -8.88 4.16 17.74
CA HIS A 433 -8.28 5.07 18.72
C HIS A 433 -6.94 5.54 18.22
N ARG A 434 -6.28 6.39 19.01
CA ARG A 434 -4.93 6.85 18.69
C ARG A 434 -3.96 5.68 18.49
N ASP A 435 -4.09 4.65 19.33
CA ASP A 435 -3.25 3.45 19.24
C ASP A 435 -3.74 2.44 18.18
N TYR A 436 -4.70 2.87 17.35
CA TYR A 436 -5.20 2.10 16.20
C TYR A 436 -6.16 0.96 16.56
N ARG A 437 -6.38 0.75 17.85
CA ARG A 437 -7.36 -0.22 18.32
C ARG A 437 -8.77 0.31 18.11
N VAL A 438 -9.60 -0.48 17.43
CA VAL A 438 -10.97 -0.04 17.13
C VAL A 438 -11.85 -0.10 18.38
N GLU A 439 -12.79 0.85 18.48
CA GLU A 439 -13.71 0.89 19.60
C GLU A 439 -14.65 -0.32 19.56
N MET A 440 -14.75 -1.01 20.69
CA MET A 440 -15.73 -2.06 20.88
C MET A 440 -16.41 -1.89 22.24
N ASP A 441 -17.66 -2.33 22.31
CA ASP A 441 -18.45 -2.28 23.54
C ASP A 441 -17.74 -3.06 24.65
N PRO A 442 -17.35 -2.35 25.73
CA PRO A 442 -16.62 -2.92 26.87
C PRO A 442 -17.36 -4.07 27.56
N SER A 443 -18.70 -4.05 27.52
CA SER A 443 -19.51 -5.09 28.14
C SER A 443 -19.68 -6.33 27.25
N LYS A 444 -19.22 -6.23 26.01
CA LYS A 444 -19.31 -7.35 25.06
C LYS A 444 -17.94 -7.98 24.79
N VAL A 445 -16.88 -7.19 24.92
CA VAL A 445 -15.53 -7.66 24.59
C VAL A 445 -14.57 -7.50 25.78
N SER A 446 -13.94 -8.61 26.16
CA SER A 446 -12.88 -8.65 27.17
C SER A 446 -11.76 -7.67 26.83
N SER A 447 -11.15 -7.10 27.88
CA SER A 447 -10.04 -6.16 27.73
C SER A 447 -8.80 -6.81 27.12
N GLU A 448 -8.75 -8.13 27.16
CA GLU A 448 -7.63 -8.89 26.58
C GLU A 448 -7.81 -9.12 25.08
N ALA A 449 -9.01 -8.88 24.57
CA ALA A 449 -9.32 -9.07 23.16
C ALA A 449 -9.50 -7.75 22.42
N GLY A 450 -9.07 -7.71 21.16
CA GLY A 450 -9.17 -6.49 20.36
C GLY A 450 -8.76 -6.62 18.90
N ILE A 451 -9.10 -5.58 18.13
CA ILE A 451 -8.77 -5.51 16.70
C ILE A 451 -8.14 -4.15 16.38
N TRP A 452 -6.98 -4.19 15.72
CA TRP A 452 -6.25 -2.99 15.33
C TRP A 452 -6.27 -2.84 13.84
N LEU A 453 -6.41 -1.60 13.37
CA LEU A 453 -6.36 -1.31 11.93
C LEU A 453 -5.08 -0.56 11.56
N GLN A 454 -4.46 -0.97 10.46
CA GLN A 454 -3.22 -0.35 9.99
C GLN A 454 -3.29 0.03 8.51
N GLY A 455 -2.89 1.26 8.20
CA GLY A 455 -2.76 1.72 6.82
C GLY A 455 -4.04 2.18 6.13
N CYS A 456 -5.16 2.18 6.85
CA CYS A 456 -6.44 2.63 6.30
C CYS A 456 -7.04 3.76 7.12
N ASN A 457 -6.25 4.32 8.03
CA ASN A 457 -6.71 5.30 9.02
C ASN A 457 -6.29 6.74 8.72
N GLU A 458 -6.18 7.07 7.43
CA GLU A 458 -5.77 8.39 6.97
C GLU A 458 -6.62 9.54 7.53
N ARG A 459 -7.93 9.33 7.57
CA ARG A 459 -8.89 10.33 8.06
C ARG A 459 -8.68 10.70 9.53
N THR A 460 -8.17 9.76 10.31
CA THR A 460 -7.99 9.95 11.75
C THR A 460 -6.53 10.20 12.14
N HIS A 461 -5.60 9.75 11.31
CA HIS A 461 -4.18 9.76 11.69
C HIS A 461 -3.27 10.56 10.80
N GLY A 462 -3.75 10.94 9.61
CA GLY A 462 -3.01 11.83 8.73
C GLY A 462 -2.56 11.21 7.42
N LEU A 463 -1.86 12.00 6.62
CA LEU A 463 -1.42 11.58 5.28
C LEU A 463 -0.21 10.64 5.30
N SER A 464 0.38 10.45 6.47
CA SER A 464 1.50 9.53 6.64
C SER A 464 1.03 8.09 6.93
N ASP A 465 -0.29 7.93 7.09
CA ASP A 465 -0.88 6.65 7.52
C ASP A 465 -0.71 5.51 6.52
N SER A 466 -0.90 5.79 5.23
CA SER A 466 -0.83 4.76 4.20
C SER A 466 0.57 4.64 3.58
N LEU A 467 1.52 5.41 4.09
CA LEU A 467 2.86 5.49 3.51
C LEU A 467 3.90 4.71 4.31
N LEU A 468 5.17 4.91 3.96
CA LEU A 468 6.27 4.32 4.72
C LEU A 468 6.74 5.28 5.81
N SER A 469 6.26 6.51 5.75
CA SER A 469 6.75 7.64 6.55
C SER A 469 6.94 7.35 8.05
N VAL A 470 5.91 6.78 8.68
CA VAL A 470 5.91 6.58 10.13
C VAL A 470 5.98 5.11 10.56
N LEU A 471 6.28 4.23 9.62
CA LEU A 471 6.23 2.78 9.87
C LEU A 471 7.13 2.27 10.99
N ALA A 472 8.37 2.77 11.05
CA ALA A 472 9.31 2.41 12.11
C ALA A 472 8.77 2.77 13.50
N VAL A 473 8.26 3.99 13.63
CA VAL A 473 7.75 4.50 14.90
C VAL A 473 6.38 3.87 15.25
N ARG A 474 5.50 3.78 14.25
CA ARG A 474 4.17 3.19 14.45
C ARG A 474 4.26 1.74 14.87
N GLY A 475 5.16 0.98 14.22
CA GLY A 475 5.41 -0.41 14.57
C GLY A 475 5.77 -0.58 16.04
N GLY A 476 6.57 0.33 16.57
CA GLY A 476 6.98 0.32 17.97
C GLY A 476 5.83 0.65 18.92
N GLU A 477 5.02 1.62 18.52
CA GLU A 477 3.81 1.98 19.26
C GLU A 477 2.84 0.80 19.31
N MET A 478 2.71 0.10 18.17
CA MET A 478 1.84 -1.07 18.05
C MET A 478 2.26 -2.22 18.98
N VAL A 479 3.56 -2.54 18.98
CA VAL A 479 4.13 -3.56 19.89
C VAL A 479 3.86 -3.22 21.36
N GLN A 480 3.95 -1.94 21.71
CA GLN A 480 3.66 -1.49 23.06
C GLN A 480 2.17 -1.55 23.40
N SER A 481 1.34 -1.38 22.37
CA SER A 481 -0.11 -1.43 22.55
C SER A 481 -0.63 -2.86 22.66
N ILE A 482 0.04 -3.79 21.99
CA ILE A 482 -0.38 -5.18 21.90
C ILE A 482 0.31 -6.08 22.94
N PHE A 483 1.64 -5.95 23.06
CA PHE A 483 2.43 -6.80 23.94
C PHE A 483 2.89 -6.07 25.21
N GLY A 484 2.36 -4.87 25.42
CA GLY A 484 2.78 -4.01 26.54
C GLY A 484 2.77 -4.63 27.93
N GLU A 485 1.72 -5.40 28.22
CA GLU A 485 1.57 -6.07 29.51
C GLU A 485 2.71 -7.02 29.81
N GLN A 486 3.04 -7.88 28.84
CA GLN A 486 4.15 -8.84 28.97
C GLN A 486 5.51 -8.16 29.06
N LEU A 487 5.67 -7.07 28.29
CA LEU A 487 6.94 -6.34 28.26
C LEU A 487 7.17 -5.47 29.49
N GLU A 488 6.09 -5.19 30.24
CA GLU A 488 6.20 -4.44 31.49
C GLU A 488 6.73 -5.33 32.62
N ARG A 489 6.32 -6.60 32.62
CA ARG A 489 6.78 -7.59 33.60
C ARG A 489 8.30 -7.72 33.61
N ALA A 490 8.90 -7.62 32.42
CA ALA A 490 10.35 -7.69 32.26
C ALA A 490 11.03 -6.35 32.53
N ALA A 491 10.32 -5.26 32.25
CA ALA A 491 10.85 -3.92 32.49
C ALA A 491 10.66 -3.48 33.94
N ARG B . 6.88 13.39 1.62
CA ARG B . 6.58 12.17 2.44
C ARG B . 7.63 11.95 3.53
O ARG B . 7.44 11.15 4.46
CB ARG B . 6.43 10.94 1.53
CG ARG B . 5.35 11.10 0.48
CD ARG B . 5.43 10.04 -0.61
NE ARG B . 4.40 10.22 -1.64
CZ ARG B . 4.53 10.99 -2.71
NH1 ARG B . 5.66 11.69 -2.92
NH2 ARG B . 3.55 11.08 -3.59
OXT ARG B . 8.68 12.57 3.54
PA FAD C . 0.50 -3.06 1.29
O1A FAD C . 1.95 -2.75 0.98
O2A FAD C . -0.50 -3.06 0.16
O5B FAD C . 0.45 -4.47 2.03
C5B FAD C . -0.76 -5.21 2.12
C4B FAD C . -0.44 -6.70 2.04
O4B FAD C . -1.55 -7.46 2.52
C3B FAD C . -0.17 -7.15 0.62
O3B FAD C . 1.06 -7.88 0.60
C2B FAD C . -1.35 -8.06 0.26
O2B FAD C . -0.93 -9.15 -0.56
C1B FAD C . -1.84 -8.53 1.61
N9A FAD C . -3.29 -8.81 1.67
C8A FAD C . -4.28 -8.02 1.22
N7A FAD C . -5.49 -8.57 1.45
C5A FAD C . -5.29 -9.75 2.07
C6A FAD C . -6.14 -10.84 2.60
N6A FAD C . -7.50 -10.77 2.50
N1A FAD C . -5.53 -11.90 3.18
C2A FAD C . -4.19 -11.97 3.29
N3A FAD C . -3.35 -11.02 2.83
C4A FAD C . -3.84 -9.90 2.23
N1 FAD C . 4.80 5.29 0.06
C2 FAD C . 6.05 5.81 0.40
O2 FAD C . 6.17 6.30 1.55
N3 FAD C . 7.14 5.80 -0.42
C4 FAD C . 7.10 5.30 -1.66
O4 FAD C . 8.04 5.51 -2.46
C4X FAD C . 5.88 4.55 -2.08
N5 FAD C . 5.84 3.82 -3.24
C5X FAD C . 4.66 3.30 -3.68
C6 FAD C . 4.61 2.74 -4.95
C7 FAD C . 3.42 2.20 -5.44
C7M FAD C . 3.40 1.60 -6.83
C8 FAD C . 2.19 2.21 -4.57
C8M FAD C . 0.88 1.64 -5.06
C9 FAD C . 2.25 2.78 -3.30
C9A FAD C . 3.44 3.31 -2.81
N10 FAD C . 3.53 3.88 -1.51
C10 FAD C . 4.71 4.58 -1.17
C1' FAD C . 2.42 3.85 -0.54
C2' FAD C . 2.18 2.43 -0.03
O2' FAD C . 0.84 2.39 0.46
C3' FAD C . 3.16 1.99 1.08
O3' FAD C . 4.51 2.07 0.61
C4' FAD C . 2.93 0.55 1.54
O4' FAD C . 2.54 -0.29 0.44
C5' FAD C . 1.90 0.46 2.67
O5' FAD C . 2.02 -0.84 3.26
P FAD C . 0.73 -1.66 3.77
O1P FAD C . -0.16 -0.73 4.56
O2P FAD C . 1.25 -2.92 4.41
O3P FAD C . -0.05 -2.03 2.40
PA NAP D . -3.57 8.86 -7.54
O1A NAP D . -2.37 9.70 -7.23
O2A NAP D . -4.75 8.91 -6.60
O5B NAP D . -4.05 9.25 -9.03
C5B NAP D . -5.31 8.85 -9.57
C4B NAP D . -5.54 9.61 -10.87
O4B NAP D . -6.66 9.06 -11.57
C3B NAP D . -5.85 11.08 -10.62
O3B NAP D . -5.19 11.89 -11.60
C2B NAP D . -7.36 11.17 -10.79
O2B NAP D . -7.82 12.42 -11.30
C1B NAP D . -7.67 10.05 -11.77
N9A NAP D . -9.03 9.51 -11.53
C8A NAP D . -9.50 8.97 -10.39
N7A NAP D . -10.79 8.59 -10.53
C5A NAP D . -11.16 8.87 -11.79
C6A NAP D . -12.40 8.71 -12.61
N6A NAP D . -13.51 8.17 -12.08
N1A NAP D . -12.37 9.14 -13.89
C2A NAP D . -11.25 9.70 -14.43
N3A NAP D . -10.11 9.87 -13.74
C4A NAP D . -10.00 9.48 -12.45
O3 NAP D . -3.16 7.31 -7.71
PN NAP D . -1.70 6.82 -8.15
O1N NAP D . -1.19 7.69 -9.26
O2N NAP D . -1.77 5.31 -8.35
O5D NAP D . -0.79 7.07 -6.84
C5D NAP D . -1.14 6.51 -5.58
C4D NAP D . 0.05 6.60 -4.64
O4D NAP D . 1.07 5.68 -5.04
C3D NAP D . 0.67 7.99 -4.65
O3D NAP D . 0.88 8.42 -3.30
C2D NAP D . 2.00 7.83 -5.36
O2D NAP D . 3.03 8.64 -4.79
C1D NAP D . 2.32 6.36 -5.18
N1N NAP D . 3.11 5.84 -6.31
C2N NAP D . 4.45 5.77 -6.16
C3N NAP D . 5.27 5.28 -7.17
C7N NAP D . 6.76 5.20 -6.97
O7N NAP D . 7.20 4.94 -5.87
N7N NAP D . 7.57 5.42 -8.00
C4N NAP D . 4.67 4.87 -8.37
C5N NAP D . 3.29 4.96 -8.52
C6N NAP D . 2.53 5.45 -7.46
P2B NAP D . -8.08 13.69 -10.34
O1X NAP D . -9.19 14.43 -11.04
O2X NAP D . -8.47 13.12 -9.00
O3X NAP D . -6.74 14.41 -10.37
S SO4 E . 30.14 -2.08 2.42
O1 SO4 E . 31.21 -3.10 2.45
O2 SO4 E . 28.82 -2.76 2.33
O3 SO4 E . 30.30 -1.20 1.26
O4 SO4 E . 30.19 -1.28 3.66
C1 GOL F . 3.63 -20.52 10.74
O1 GOL F . 2.42 -19.74 10.71
C2 GOL F . 4.01 -20.92 9.31
O2 GOL F . 3.04 -21.84 8.80
C3 GOL F . 5.38 -21.60 9.32
O3 GOL F . 6.11 -21.17 8.16
C1 GOL G . 4.03 19.96 -24.28
O1 GOL G . 3.60 18.92 -25.15
C2 GOL G . 4.95 20.93 -25.01
O2 GOL G . 4.16 21.79 -25.84
C3 GOL G . 5.96 20.19 -25.87
O3 GOL G . 6.81 21.14 -26.54
C1 GOL H . -25.14 -1.50 15.11
O1 GOL H . -26.09 -1.59 16.19
C2 GOL H . -23.71 -1.55 15.65
O2 GOL H . -23.63 -2.45 16.76
C3 GOL H . -22.72 -2.02 14.57
O3 GOL H . -23.24 -1.82 13.24
C1 GOL I . 19.65 2.87 -8.79
O1 GOL I . 18.90 3.13 -9.98
C2 GOL I . 19.16 3.80 -7.68
O2 GOL I . 19.77 5.09 -7.86
C3 GOL I . 19.57 3.24 -6.33
O3 GOL I . 18.74 2.11 -6.02
C1 GOL J . 16.50 -12.92 -1.50
O1 GOL J . 16.44 -13.43 -2.84
C2 GOL J . 17.40 -11.68 -1.45
O2 GOL J . 16.61 -10.54 -1.80
C3 GOL J . 17.95 -11.51 -0.04
O3 GOL J . 18.47 -10.18 0.10
C1 GOL K . -1.60 3.56 -2.38
O1 GOL K . -2.06 4.91 -2.25
C2 GOL K . -2.45 2.64 -1.51
O2 GOL K . -2.12 1.27 -1.81
C3 GOL K . -2.17 2.93 -0.04
O3 GOL K . -2.82 1.95 0.79
#